data_2XPJ
#
_entry.id   2XPJ
#
_cell.length_a   285.400
_cell.length_b   288.360
_cell.length_c   290.610
_cell.angle_alpha   62.92
_cell.angle_beta   65.30
_cell.angle_gamma   60.85
#
_symmetry.space_group_name_H-M   'P 1'
#
loop_
_entity.id
_entity.type
_entity.pdbx_description
1 polymer 'COAT PROTEIN'
2 polymer "5'-R(CP*CP*CP)-3'"
#
loop_
_entity_poly.entity_id
_entity_poly.type
_entity_poly.pdbx_seq_one_letter_code
_entity_poly.pdbx_strand_id
1 'polypeptide(L)'
;MDSSEVVKVKQASIPAPGSILSQPNTEQSPAIVLPFQFEATTFGTAETAAQVSLQTADPITKLTAPYRHAQIVECKAILT
PTDLAVSNPLTVYLAWVPANSPATPTQILRVYGGQSFVLGGAISAAKTIEVPLNLDSVNRMLKDSVTYTDTPKLLAYSRA
PTNPSKIPTASIQISGRIRLSKPMLIAN
;
A,B,C
2 'polyribonucleotide' CCC D
#
# COMPACT_ATOMS: atom_id res chain seq x y z
N PRO A 24 -0.74 -14.76 2.81
CA PRO A 24 -0.92 -16.22 3.06
C PRO A 24 -1.58 -16.55 4.44
N ASN A 25 -1.04 -17.55 5.14
CA ASN A 25 -1.54 -17.98 6.47
C ASN A 25 -0.50 -17.64 7.56
N THR A 26 0.01 -18.67 8.24
CA THR A 26 1.01 -18.45 9.30
C THR A 26 1.67 -19.78 9.71
N GLU A 27 2.92 -19.69 10.17
CA GLU A 27 3.70 -20.86 10.61
C GLU A 27 3.54 -21.16 12.13
N GLN A 28 4.60 -21.68 12.77
CA GLN A 28 4.55 -22.03 14.20
C GLN A 28 5.32 -21.10 15.18
N SER A 29 6.08 -20.11 14.66
CA SER A 29 6.84 -19.18 15.52
C SER A 29 5.86 -18.47 16.47
N PRO A 30 6.25 -18.31 17.76
CA PRO A 30 5.48 -17.66 18.83
C PRO A 30 4.20 -16.96 18.39
N ALA A 31 3.06 -17.56 18.72
CA ALA A 31 1.76 -17.00 18.36
C ALA A 31 0.69 -17.35 19.39
N ILE A 32 -0.16 -16.38 19.70
CA ILE A 32 -1.23 -16.58 20.67
C ILE A 32 -2.57 -16.13 20.11
N VAL A 33 -3.64 -16.79 20.52
CA VAL A 33 -4.96 -16.43 20.05
C VAL A 33 -5.80 -15.85 21.20
N LEU A 34 -6.24 -14.61 21.02
CA LEU A 34 -7.04 -13.91 22.03
C LEU A 34 -8.46 -13.75 21.54
N PRO A 35 -9.43 -13.71 22.46
CA PRO A 35 -10.84 -13.55 22.10
C PRO A 35 -11.14 -12.07 22.18
N PHE A 36 -12.33 -11.67 21.73
CA PHE A 36 -12.72 -10.28 21.79
C PHE A 36 -14.18 -10.12 21.40
N GLN A 37 -14.78 -9.03 21.86
CA GLN A 37 -16.17 -8.71 21.55
C GLN A 37 -16.37 -7.25 21.90
N PHE A 38 -16.86 -6.47 20.95
CA PHE A 38 -17.13 -5.06 21.19
C PHE A 38 -18.43 -4.70 20.50
N GLU A 39 -18.93 -3.49 20.74
CA GLU A 39 -20.16 -3.06 20.12
C GLU A 39 -19.81 -2.40 18.78
N ALA A 40 -20.50 -2.80 17.72
CA ALA A 40 -20.24 -2.26 16.39
C ALA A 40 -21.12 -1.06 16.06
N THR A 41 -22.41 -1.17 16.36
CA THR A 41 -23.35 -0.08 16.09
C THR A 41 -24.62 -0.24 16.94
N THR A 42 -25.48 0.78 16.93
CA THR A 42 -26.73 0.74 17.70
C THR A 42 -27.86 1.33 16.87
N PHE A 43 -29.10 0.95 17.18
CA PHE A 43 -30.25 1.48 16.44
C PHE A 43 -31.38 1.99 17.33
N GLY A 44 -32.20 2.86 16.75
CA GLY A 44 -33.31 3.42 17.50
C GLY A 44 -33.26 4.94 17.54
N THR A 45 -32.13 5.48 18.01
CA THR A 45 -31.92 6.92 18.11
C THR A 45 -32.18 7.65 16.79
N ALA A 46 -31.81 7.03 15.67
CA ALA A 46 -32.01 7.65 14.36
C ALA A 46 -31.69 6.65 13.27
N GLU A 47 -31.85 7.04 12.01
CA GLU A 47 -31.53 6.14 10.90
C GLU A 47 -30.08 5.74 11.03
N THR A 48 -29.82 4.44 10.91
CA THR A 48 -28.45 3.94 11.04
C THR A 48 -27.97 3.16 9.84
N ALA A 49 -26.83 3.58 9.30
CA ALA A 49 -26.21 2.92 8.16
C ALA A 49 -24.73 2.90 8.47
N ALA A 50 -24.27 1.79 9.03
CA ALA A 50 -22.89 1.65 9.42
C ALA A 50 -22.02 0.86 8.46
N GLN A 51 -20.73 1.14 8.54
CA GLN A 51 -19.73 0.47 7.74
C GLN A 51 -18.54 0.20 8.67
N VAL A 52 -18.71 -0.80 9.53
CA VAL A 52 -17.70 -1.19 10.52
C VAL A 52 -16.51 -1.92 9.90
N SER A 53 -15.32 -1.36 10.06
CA SER A 53 -14.11 -1.98 9.53
C SER A 53 -13.16 -2.45 10.62
N LEU A 54 -12.94 -3.76 10.72
CA LEU A 54 -11.98 -4.25 11.71
C LEU A 54 -10.72 -3.71 11.05
N GLN A 55 -9.69 -3.40 11.84
CA GLN A 55 -8.45 -2.80 11.32
C GLN A 55 -8.71 -1.30 11.33
N THR A 56 -9.54 -0.89 12.28
CA THR A 56 -9.92 0.50 12.47
C THR A 56 -10.64 0.42 13.79
N ALA A 57 -11.31 -0.71 14.00
CA ALA A 57 -12.06 -0.95 15.22
C ALA A 57 -11.13 -0.73 16.40
N ASP A 58 -11.31 0.39 17.09
CA ASP A 58 -10.46 0.69 18.23
C ASP A 58 -10.33 -0.49 19.19
N PRO A 59 -11.45 -1.12 19.55
CA PRO A 59 -11.34 -2.27 20.46
C PRO A 59 -10.34 -3.32 19.97
N ILE A 60 -10.49 -3.75 18.73
CA ILE A 60 -9.60 -4.77 18.18
C ILE A 60 -8.14 -4.36 18.26
N THR A 61 -7.88 -3.10 17.99
CA THR A 61 -6.50 -2.63 18.01
C THR A 61 -5.86 -2.57 19.39
N LYS A 62 -6.63 -2.29 20.43
CA LYS A 62 -6.05 -2.22 21.77
C LYS A 62 -5.43 -3.60 22.03
N LEU A 63 -5.84 -4.60 21.26
CA LEU A 63 -5.30 -5.95 21.39
C LEU A 63 -4.15 -6.17 20.42
N THR A 64 -4.30 -5.67 19.20
CA THR A 64 -3.26 -5.81 18.17
C THR A 64 -2.16 -4.78 18.30
N ALA A 65 -2.30 -3.90 19.28
CA ALA A 65 -1.32 -2.86 19.50
C ALA A 65 0.08 -3.41 19.82
N PRO A 66 0.19 -4.37 20.75
CA PRO A 66 1.48 -4.96 21.13
C PRO A 66 2.17 -5.80 20.07
N TYR A 67 1.41 -6.24 19.08
CA TYR A 67 1.98 -7.08 18.05
C TYR A 67 2.07 -6.38 16.70
N ARG A 68 2.81 -6.99 15.79
CA ARG A 68 2.99 -6.46 14.45
C ARG A 68 2.29 -7.29 13.38
N HIS A 69 1.81 -8.46 13.78
CA HIS A 69 1.11 -9.38 12.88
C HIS A 69 -0.16 -9.89 13.57
N ALA A 70 -1.33 -9.48 13.09
CA ALA A 70 -2.61 -9.91 13.64
C ALA A 70 -3.35 -10.70 12.58
N GLN A 71 -4.12 -11.70 12.98
CA GLN A 71 -4.86 -12.51 12.01
C GLN A 71 -6.14 -13.10 12.58
N ILE A 72 -7.25 -12.82 11.91
CA ILE A 72 -8.55 -13.30 12.34
C ILE A 72 -8.67 -14.79 12.15
N VAL A 73 -9.26 -15.43 13.14
CA VAL A 73 -9.43 -16.88 13.12
C VAL A 73 -10.91 -17.20 13.09
N GLU A 74 -11.66 -16.39 13.82
CA GLU A 74 -13.08 -16.59 13.93
C GLU A 74 -13.68 -15.20 14.06
N CYS A 75 -14.88 -15.00 13.54
CA CYS A 75 -15.53 -13.70 13.65
C CYS A 75 -16.97 -13.80 13.19
N LYS A 76 -17.86 -13.19 13.96
CA LYS A 76 -19.29 -13.19 13.66
C LYS A 76 -19.91 -11.92 14.22
N ALA A 77 -21.02 -11.51 13.63
CA ALA A 77 -21.75 -10.32 14.09
C ALA A 77 -22.97 -10.81 14.86
N ILE A 78 -23.24 -10.20 16.02
CA ILE A 78 -24.38 -10.58 16.85
C ILE A 78 -25.41 -9.45 16.88
N LEU A 79 -26.69 -9.80 16.74
CA LEU A 79 -27.79 -8.82 16.72
C LEU A 79 -28.62 -8.96 17.98
N THR A 80 -28.51 -7.99 18.89
CA THR A 80 -29.25 -8.05 20.15
C THR A 80 -30.27 -6.93 20.35
N PRO A 81 -31.57 -7.27 20.38
CA PRO A 81 -32.60 -6.25 20.56
C PRO A 81 -32.83 -6.02 22.06
N THR A 82 -33.29 -4.84 22.45
CA THR A 82 -33.58 -4.57 23.86
C THR A 82 -35.10 -4.62 23.98
N ASP A 83 -35.61 -4.79 25.20
CA ASP A 83 -37.07 -4.87 25.36
C ASP A 83 -37.79 -3.68 24.72
N LEU A 84 -37.10 -2.54 24.60
CA LEU A 84 -37.69 -1.35 23.99
C LEU A 84 -38.21 -1.68 22.60
N ALA A 85 -37.58 -2.68 21.98
CA ALA A 85 -37.93 -3.12 20.63
C ALA A 85 -39.39 -3.44 20.42
N VAL A 86 -40.00 -4.17 21.36
CA VAL A 86 -41.42 -4.54 21.23
C VAL A 86 -42.32 -3.32 21.00
N SER A 87 -42.02 -2.23 21.71
CA SER A 87 -42.80 -1.01 21.60
C SER A 87 -42.56 -0.32 20.25
N ASN A 88 -41.32 -0.35 19.79
CA ASN A 88 -40.95 0.27 18.51
C ASN A 88 -40.19 -0.69 17.61
N PRO A 89 -40.84 -1.81 17.22
CA PRO A 89 -40.16 -2.78 16.36
C PRO A 89 -39.45 -2.12 15.18
N LEU A 90 -38.21 -2.53 14.95
CA LEU A 90 -37.41 -2.00 13.86
C LEU A 90 -37.19 -3.12 12.87
N THR A 91 -36.05 -3.09 12.17
CA THR A 91 -35.74 -4.11 11.17
C THR A 91 -34.35 -3.82 10.62
N VAL A 92 -33.36 -4.64 11.01
CA VAL A 92 -31.98 -4.40 10.59
C VAL A 92 -31.40 -5.31 9.49
N TYR A 93 -30.49 -4.76 8.70
CA TYR A 93 -29.84 -5.51 7.64
C TYR A 93 -28.36 -5.65 7.95
N LEU A 94 -27.83 -6.86 7.78
CA LEU A 94 -26.43 -7.11 8.04
C LEU A 94 -25.81 -7.78 6.83
N ALA A 95 -24.51 -7.60 6.66
CA ALA A 95 -23.79 -8.20 5.54
C ALA A 95 -22.31 -7.92 5.68
N TRP A 96 -21.50 -8.97 5.52
CA TRP A 96 -20.05 -8.85 5.61
C TRP A 96 -19.52 -8.76 4.19
N VAL A 97 -18.56 -7.87 3.95
CA VAL A 97 -17.96 -7.71 2.63
C VAL A 97 -16.54 -7.14 2.74
N PRO A 98 -15.64 -7.51 1.82
CA PRO A 98 -14.28 -6.96 1.90
C PRO A 98 -14.35 -5.44 1.76
N ALA A 99 -13.42 -4.74 2.38
CA ALA A 99 -13.39 -3.27 2.33
C ALA A 99 -13.53 -2.72 0.91
N ASN A 100 -13.02 -3.49 -0.06
CA ASN A 100 -13.05 -3.15 -1.49
C ASN A 100 -14.45 -3.01 -2.05
N SER A 101 -15.28 -4.00 -1.73
CA SER A 101 -16.66 -4.04 -2.20
C SER A 101 -17.36 -2.69 -2.23
N PRO A 102 -17.81 -2.29 -3.42
CA PRO A 102 -18.51 -1.01 -3.61
C PRO A 102 -19.94 -1.02 -3.03
N ALA A 103 -20.24 -2.03 -2.22
CA ALA A 103 -21.54 -2.18 -1.59
C ALA A 103 -21.83 -1.10 -0.54
N THR A 104 -23.10 -0.70 -0.47
CA THR A 104 -23.56 0.34 0.46
C THR A 104 -24.56 -0.29 1.42
N PRO A 105 -24.60 0.19 2.67
CA PRO A 105 -25.54 -0.33 3.68
C PRO A 105 -26.97 -0.45 3.11
N THR A 106 -27.31 0.52 2.27
CA THR A 106 -28.61 0.60 1.62
C THR A 106 -28.86 -0.53 0.62
N GLN A 107 -27.81 -1.25 0.24
CA GLN A 107 -27.94 -2.33 -0.74
C GLN A 107 -27.60 -3.70 -0.17
N ILE A 108 -27.63 -3.82 1.14
CA ILE A 108 -27.29 -5.08 1.79
C ILE A 108 -28.01 -6.33 1.28
N LEU A 109 -29.32 -6.26 1.09
CA LEU A 109 -30.09 -7.40 0.62
C LEU A 109 -29.76 -7.77 -0.81
N ARG A 110 -28.99 -6.92 -1.47
CA ARG A 110 -28.61 -7.17 -2.86
C ARG A 110 -27.22 -7.80 -2.90
N VAL A 111 -26.66 -8.01 -1.71
CA VAL A 111 -25.35 -8.63 -1.57
C VAL A 111 -25.56 -10.09 -1.21
N TYR A 112 -24.56 -10.94 -1.45
CA TYR A 112 -24.69 -12.36 -1.15
C TYR A 112 -24.94 -12.67 0.34
N GLY A 113 -24.02 -12.26 1.21
CA GLY A 113 -24.23 -12.54 2.63
C GLY A 113 -25.45 -11.88 3.26
N GLY A 114 -26.02 -10.89 2.57
CA GLY A 114 -27.17 -10.12 3.03
C GLY A 114 -28.28 -10.77 3.86
N GLN A 115 -28.53 -10.21 5.04
CA GLN A 115 -29.54 -10.72 5.97
C GLN A 115 -30.50 -9.63 6.40
N SER A 116 -31.73 -10.01 6.75
CA SER A 116 -32.73 -9.04 7.19
C SER A 116 -33.57 -9.54 8.38
N PHE A 117 -33.24 -9.07 9.58
CA PHE A 117 -33.96 -9.47 10.78
C PHE A 117 -34.98 -8.44 11.23
N VAL A 118 -36.07 -8.89 11.85
CA VAL A 118 -37.11 -7.95 12.26
C VAL A 118 -37.01 -7.35 13.67
N LEU A 119 -36.67 -8.15 14.67
CA LEU A 119 -36.55 -7.62 16.04
C LEU A 119 -37.82 -6.94 16.56
N GLY A 120 -38.13 -7.19 17.82
CA GLY A 120 -39.30 -6.58 18.41
C GLY A 120 -40.25 -7.66 18.90
N GLY A 121 -39.77 -8.90 18.96
CA GLY A 121 -40.61 -9.98 19.41
C GLY A 121 -41.72 -10.30 18.43
N ALA A 122 -41.31 -10.51 17.17
CA ALA A 122 -42.20 -10.85 16.06
C ALA A 122 -41.27 -11.32 14.93
N ILE A 123 -39.99 -11.39 15.29
CA ILE A 123 -38.91 -11.83 14.44
C ILE A 123 -38.19 -12.85 15.30
N SER A 124 -38.14 -14.09 14.81
CA SER A 124 -37.46 -15.15 15.52
C SER A 124 -36.29 -15.62 14.66
N ALA A 125 -35.21 -16.06 15.29
CA ALA A 125 -34.05 -16.50 14.56
C ALA A 125 -33.00 -17.25 15.39
N ALA A 126 -33.45 -18.12 16.29
CA ALA A 126 -32.56 -18.91 17.16
C ALA A 126 -31.95 -18.09 18.32
N LYS A 127 -31.60 -18.79 19.40
CA LYS A 127 -31.01 -18.12 20.55
C LYS A 127 -29.89 -17.21 20.06
N THR A 128 -30.11 -15.91 20.11
CA THR A 128 -29.10 -14.96 19.64
C THR A 128 -29.02 -14.96 18.12
N ILE A 129 -29.26 -13.81 17.52
CA ILE A 129 -29.20 -13.68 16.08
C ILE A 129 -27.76 -13.40 15.72
N GLU A 130 -27.13 -14.30 14.96
CA GLU A 130 -25.75 -14.06 14.55
C GLU A 130 -25.47 -14.45 13.10
N VAL A 131 -24.71 -13.59 12.42
CA VAL A 131 -24.33 -13.81 11.02
C VAL A 131 -22.80 -13.88 10.98
N PRO A 132 -22.25 -15.07 10.66
CA PRO A 132 -20.82 -15.42 10.55
C PRO A 132 -20.02 -14.63 9.53
N LEU A 133 -18.69 -14.77 9.58
CA LEU A 133 -17.82 -14.07 8.63
C LEU A 133 -17.65 -14.86 7.32
N ASN A 134 -16.77 -15.85 7.33
CA ASN A 134 -16.51 -16.72 6.17
C ASN A 134 -15.04 -16.84 5.88
N LEU A 135 -14.32 -15.72 5.95
CA LEU A 135 -12.88 -15.74 5.74
C LEU A 135 -12.48 -15.99 4.29
N ASP A 136 -13.12 -16.93 3.62
CA ASP A 136 -12.78 -17.19 2.23
C ASP A 136 -13.19 -15.96 1.44
N SER A 137 -14.19 -15.26 1.97
CA SER A 137 -14.76 -14.06 1.38
C SER A 137 -13.87 -12.84 1.49
N VAL A 138 -13.09 -12.77 2.57
CA VAL A 138 -12.19 -11.65 2.83
C VAL A 138 -10.77 -12.05 3.22
N ASN A 139 -9.95 -11.05 3.54
CA ASN A 139 -8.58 -11.31 3.96
C ASN A 139 -8.62 -11.17 5.46
N ARG A 140 -8.01 -12.13 6.15
CA ARG A 140 -8.01 -12.16 7.61
C ARG A 140 -6.85 -11.48 8.32
N MET A 141 -6.13 -10.59 7.62
CA MET A 141 -4.98 -9.93 8.24
C MET A 141 -5.18 -8.82 9.28
N LEU A 142 -5.75 -7.69 8.90
CA LEU A 142 -5.96 -6.63 9.89
C LEU A 142 -4.65 -5.90 10.24
N LYS A 143 -3.54 -6.61 10.36
CA LYS A 143 -2.24 -5.99 10.64
C LYS A 143 -1.05 -6.84 10.22
N ASP A 144 -0.29 -6.33 9.25
CA ASP A 144 0.90 -7.02 8.76
C ASP A 144 1.96 -5.98 8.36
N SER A 145 2.87 -6.36 7.48
CA SER A 145 3.92 -5.47 7.00
C SER A 145 3.35 -4.53 5.94
N VAL A 146 2.21 -4.94 5.36
CA VAL A 146 1.52 -4.15 4.35
C VAL A 146 0.10 -3.90 4.82
N THR A 147 -0.56 -2.91 4.25
CA THR A 147 -1.94 -2.61 4.62
C THR A 147 -2.82 -3.22 3.54
N TYR A 148 -3.41 -4.40 3.80
CA TYR A 148 -4.26 -5.04 2.80
C TYR A 148 -5.57 -4.26 2.64
N THR A 149 -6.14 -4.32 1.45
CA THR A 149 -7.37 -3.61 1.19
C THR A 149 -8.65 -4.40 1.45
N ASP A 150 -8.63 -5.68 1.07
CA ASP A 150 -9.80 -6.56 1.23
C ASP A 150 -9.99 -7.23 2.59
N THR A 151 -9.95 -6.44 3.66
CA THR A 151 -10.13 -6.97 5.00
C THR A 151 -11.65 -6.98 5.31
N PRO A 152 -12.09 -7.70 6.36
CA PRO A 152 -13.52 -7.72 6.68
C PRO A 152 -14.12 -6.37 7.10
N LYS A 153 -15.34 -6.14 6.63
CA LYS A 153 -16.11 -4.92 6.88
C LYS A 153 -17.58 -5.29 7.08
N LEU A 154 -18.22 -4.76 8.13
CA LEU A 154 -19.63 -5.07 8.38
C LEU A 154 -20.56 -3.98 7.84
N LEU A 155 -21.53 -4.38 7.03
CA LEU A 155 -22.51 -3.44 6.49
C LEU A 155 -23.79 -3.66 7.26
N ALA A 156 -24.36 -2.58 7.77
CA ALA A 156 -25.61 -2.67 8.52
C ALA A 156 -26.46 -1.45 8.28
N TYR A 157 -27.74 -1.65 7.99
CA TYR A 157 -28.66 -0.57 7.73
C TYR A 157 -29.97 -0.82 8.47
N SER A 158 -30.65 0.24 8.91
CA SER A 158 -31.91 0.03 9.63
C SER A 158 -32.99 1.11 9.49
N ARG A 159 -32.98 1.87 8.39
CA ARG A 159 -33.97 2.92 8.11
C ARG A 159 -34.29 3.88 9.26
N ALA A 160 -34.85 5.03 8.94
CA ALA A 160 -35.20 6.03 9.94
C ALA A 160 -36.31 5.47 10.83
N PRO A 161 -36.12 5.51 12.15
CA PRO A 161 -37.13 4.99 13.08
C PRO A 161 -38.22 5.99 13.40
N THR A 162 -39.45 5.51 13.54
CA THR A 162 -40.57 6.38 13.88
C THR A 162 -40.59 6.48 15.40
N ASN A 163 -40.43 7.70 15.91
CA ASN A 163 -40.39 7.97 17.35
C ASN A 163 -39.04 7.55 17.91
N PRO A 164 -37.96 8.27 17.53
CA PRO A 164 -36.60 8.00 17.99
C PRO A 164 -36.58 7.87 19.51
N SER A 165 -35.43 7.59 20.11
CA SER A 165 -35.47 7.46 21.56
C SER A 165 -34.24 7.74 22.41
N LYS A 166 -33.12 8.09 21.77
CA LYS A 166 -31.90 8.38 22.54
C LYS A 166 -31.39 7.16 23.32
N ILE A 167 -32.26 6.17 23.53
CA ILE A 167 -31.91 4.92 24.22
C ILE A 167 -32.08 3.77 23.24
N PRO A 168 -30.96 3.24 22.71
CA PRO A 168 -30.93 2.14 21.74
C PRO A 168 -32.01 1.08 21.93
N THR A 169 -32.56 0.65 20.80
CA THR A 169 -33.60 -0.36 20.77
C THR A 169 -32.99 -1.71 20.41
N ALA A 170 -31.77 -1.69 19.89
CA ALA A 170 -31.04 -2.90 19.50
C ALA A 170 -29.63 -2.54 19.06
N SER A 171 -28.70 -3.46 19.24
CA SER A 171 -27.31 -3.23 18.87
C SER A 171 -26.70 -4.43 18.15
N ILE A 172 -25.50 -4.22 17.64
CA ILE A 172 -24.78 -5.27 16.96
C ILE A 172 -23.41 -5.40 17.60
N GLN A 173 -23.10 -6.60 18.07
CA GLN A 173 -21.79 -6.85 18.67
C GLN A 173 -20.99 -7.64 17.65
N ILE A 174 -19.66 -7.59 17.79
CA ILE A 174 -18.76 -8.31 16.91
C ILE A 174 -17.78 -9.08 17.78
N SER A 175 -17.93 -10.39 17.83
CA SER A 175 -17.04 -11.22 18.65
C SER A 175 -16.24 -12.14 17.74
N GLY A 176 -15.07 -12.53 18.22
CA GLY A 176 -14.22 -13.40 17.43
C GLY A 176 -12.95 -13.74 18.17
N ARG A 177 -11.96 -14.20 17.43
CA ARG A 177 -10.67 -14.57 17.99
C ARG A 177 -9.56 -14.16 17.02
N ILE A 178 -8.54 -13.46 17.54
CA ILE A 178 -7.41 -13.02 16.73
C ILE A 178 -6.11 -13.71 17.11
N ARG A 179 -5.29 -14.00 16.11
CA ARG A 179 -3.99 -14.64 16.32
C ARG A 179 -2.91 -13.57 16.23
N LEU A 180 -2.18 -13.35 17.33
CA LEU A 180 -1.12 -12.33 17.36
C LEU A 180 0.30 -12.91 17.36
N SER A 181 1.22 -12.23 16.67
CA SER A 181 2.62 -12.65 16.58
C SER A 181 3.54 -11.46 16.30
N LYS A 182 4.87 -11.69 16.29
CA LYS A 182 5.83 -10.61 16.04
C LYS A 182 5.63 -9.43 16.98
N PRO A 183 6.02 -9.55 18.25
CA PRO A 183 5.84 -8.43 19.17
C PRO A 183 6.33 -7.07 18.67
N MET A 184 5.46 -6.07 18.83
CA MET A 184 5.71 -4.70 18.44
C MET A 184 6.44 -3.92 19.53
N LEU A 185 7.53 -3.23 19.19
CA LEU A 185 8.23 -2.43 20.21
C LEU A 185 7.24 -1.37 20.69
N ILE A 186 7.06 -1.24 22.00
CA ILE A 186 6.11 -0.24 22.51
C ILE A 186 6.62 0.58 23.68
N ALA A 187 5.75 1.49 24.12
CA ALA A 187 6.01 2.33 25.27
C ALA A 187 5.38 1.52 26.40
N ASN A 188 6.25 0.95 27.24
CA ASN A 188 5.88 0.08 28.36
C ASN A 188 5.89 -1.40 27.92
N SER B 4 -2.45 -4.32 -46.68
CA SER B 4 -3.30 -5.20 -45.81
C SER B 4 -2.41 -6.05 -44.89
N GLU B 5 -2.93 -6.30 -43.68
CA GLU B 5 -2.27 -7.10 -42.63
C GLU B 5 -1.85 -6.28 -41.41
N VAL B 6 -1.24 -6.98 -40.46
CA VAL B 6 -0.80 -6.39 -39.20
C VAL B 6 0.68 -6.69 -38.92
N VAL B 7 1.32 -5.84 -38.12
CA VAL B 7 2.73 -6.03 -37.79
C VAL B 7 3.09 -5.79 -36.31
N LYS B 8 3.80 -6.75 -35.71
CA LYS B 8 4.24 -6.65 -34.32
C LYS B 8 5.53 -5.87 -34.27
N VAL B 9 5.58 -4.85 -33.41
CA VAL B 9 6.77 -4.04 -33.25
C VAL B 9 7.09 -3.97 -31.75
N LYS B 10 7.94 -4.88 -31.29
CA LYS B 10 8.34 -4.96 -29.89
C LYS B 10 8.98 -3.69 -29.34
N GLN B 11 8.72 -3.42 -28.06
CA GLN B 11 9.27 -2.25 -27.40
C GLN B 11 10.49 -2.65 -26.58
N ALA B 12 11.63 -2.04 -26.87
CA ALA B 12 12.84 -2.35 -26.13
C ALA B 12 12.55 -2.29 -24.64
N SER B 13 12.78 -3.40 -23.93
CA SER B 13 12.53 -3.44 -22.50
C SER B 13 13.67 -4.08 -21.74
N ILE B 14 13.70 -3.83 -20.43
CA ILE B 14 14.69 -4.41 -19.55
C ILE B 14 14.00 -5.01 -18.34
N PRO B 15 14.49 -6.15 -17.87
CA PRO B 15 13.91 -6.85 -16.71
C PRO B 15 13.70 -5.95 -15.50
N ALA B 16 12.47 -5.96 -14.99
CA ALA B 16 12.09 -5.16 -13.83
C ALA B 16 10.63 -5.45 -13.53
N PRO B 17 10.32 -6.73 -13.23
CA PRO B 17 8.97 -7.20 -12.92
C PRO B 17 8.51 -6.67 -11.59
N GLY B 18 7.21 -6.76 -11.33
CA GLY B 18 6.67 -6.27 -10.08
C GLY B 18 6.69 -7.35 -9.01
N SER B 19 6.75 -6.93 -7.75
CA SER B 19 6.75 -7.88 -6.64
C SER B 19 5.29 -8.30 -6.45
N ILE B 20 5.07 -9.50 -5.91
CA ILE B 20 3.69 -9.96 -5.74
C ILE B 20 3.44 -10.68 -4.43
N LEU B 21 2.17 -10.93 -4.13
CA LEU B 21 1.77 -11.61 -2.91
C LEU B 21 2.02 -13.13 -2.88
N SER B 22 2.52 -13.60 -1.75
CA SER B 22 2.84 -15.00 -1.47
C SER B 22 1.90 -16.01 -2.16
N GLN B 23 0.65 -16.06 -1.71
CA GLN B 23 -0.39 -16.97 -2.23
C GLN B 23 0.10 -18.39 -2.51
N SER B 29 -6.68 -21.61 -5.63
CA SER B 29 -8.14 -21.57 -5.86
C SER B 29 -8.48 -21.52 -7.36
N PRO B 30 -9.78 -21.67 -7.72
CA PRO B 30 -10.22 -21.64 -9.12
C PRO B 30 -10.09 -20.27 -9.78
N ALA B 31 -9.73 -20.28 -11.06
CA ALA B 31 -9.58 -19.06 -11.83
C ALA B 31 -10.22 -19.21 -13.21
N ILE B 32 -10.59 -18.08 -13.80
CA ILE B 32 -11.19 -18.05 -15.13
C ILE B 32 -10.41 -16.98 -15.89
N VAL B 33 -10.20 -17.19 -17.18
CA VAL B 33 -9.48 -16.21 -18.00
C VAL B 33 -10.43 -15.62 -19.04
N LEU B 34 -10.59 -14.29 -19.01
CA LEU B 34 -11.47 -13.63 -19.95
C LEU B 34 -10.65 -12.75 -20.88
N PRO B 35 -11.10 -12.58 -22.13
CA PRO B 35 -10.40 -11.75 -23.10
C PRO B 35 -11.04 -10.37 -23.04
N PHE B 36 -10.33 -9.37 -23.52
CA PHE B 36 -10.90 -8.04 -23.52
C PHE B 36 -10.23 -7.21 -24.60
N GLN B 37 -10.94 -6.17 -25.03
CA GLN B 37 -10.43 -5.28 -26.04
C GLN B 37 -11.28 -4.02 -26.06
N PHE B 38 -10.76 -2.95 -25.45
CA PHE B 38 -11.46 -1.67 -25.41
C PHE B 38 -10.57 -0.71 -26.20
N GLU B 39 -11.02 0.52 -26.41
CA GLU B 39 -10.13 1.43 -27.13
C GLU B 39 -9.58 2.48 -26.18
N ALA B 40 -8.25 2.57 -26.18
CA ALA B 40 -7.52 3.48 -25.30
C ALA B 40 -7.67 4.94 -25.66
N THR B 41 -7.48 5.25 -26.93
CA THR B 41 -7.59 6.62 -27.35
C THR B 41 -7.81 6.74 -28.84
N THR B 42 -8.19 7.94 -29.26
CA THR B 42 -8.46 8.24 -30.65
C THR B 42 -7.68 9.48 -31.11
N PHE B 43 -7.29 9.51 -32.38
CA PHE B 43 -6.53 10.64 -32.93
C PHE B 43 -7.28 11.31 -34.08
N GLY B 44 -6.88 12.54 -34.38
CA GLY B 44 -7.50 13.26 -35.47
C GLY B 44 -8.26 14.54 -35.14
N THR B 45 -9.04 14.54 -34.07
CA THR B 45 -9.81 15.74 -33.72
C THR B 45 -9.00 16.85 -33.05
N ALA B 46 -8.02 16.50 -32.24
CA ALA B 46 -7.18 17.50 -31.57
C ALA B 46 -5.93 16.86 -30.99
N GLU B 47 -4.95 17.68 -30.61
CA GLU B 47 -3.74 17.15 -30.01
C GLU B 47 -4.14 16.26 -28.86
N THR B 48 -3.85 14.97 -28.96
CA THR B 48 -4.20 14.07 -27.88
C THR B 48 -2.96 13.41 -27.25
N ALA B 49 -2.94 13.40 -25.93
CA ALA B 49 -1.87 12.80 -25.12
C ALA B 49 -2.56 12.01 -24.03
N ALA B 50 -2.67 10.69 -24.22
CA ALA B 50 -3.34 9.83 -23.27
C ALA B 50 -2.41 9.06 -22.35
N GLN B 51 -2.94 8.74 -21.18
CA GLN B 51 -2.23 7.99 -20.17
C GLN B 51 -3.21 6.94 -19.67
N VAL B 52 -3.28 5.82 -20.38
CA VAL B 52 -4.17 4.74 -20.01
C VAL B 52 -3.48 3.89 -18.96
N SER B 53 -4.13 3.71 -17.83
CA SER B 53 -3.55 2.92 -16.76
C SER B 53 -4.41 1.65 -16.62
N LEU B 54 -3.94 0.55 -17.17
CA LEU B 54 -4.68 -0.71 -17.14
C LEU B 54 -5.38 -0.98 -15.83
N GLN B 55 -4.74 -0.62 -14.74
CA GLN B 55 -5.32 -0.84 -13.42
C GLN B 55 -6.69 -0.19 -13.20
N THR B 56 -6.85 1.04 -13.69
CA THR B 56 -8.11 1.74 -13.47
C THR B 56 -8.96 2.04 -14.71
N ALA B 57 -8.53 1.58 -15.88
CA ALA B 57 -9.30 1.80 -17.09
C ALA B 57 -10.67 1.20 -16.91
N ASP B 58 -11.72 2.00 -17.11
CA ASP B 58 -13.08 1.50 -16.93
C ASP B 58 -13.35 0.13 -17.53
N PRO B 59 -13.37 0.03 -18.87
CA PRO B 59 -13.63 -1.28 -19.47
C PRO B 59 -13.00 -2.46 -18.75
N ILE B 60 -11.74 -2.34 -18.37
CA ILE B 60 -11.06 -3.44 -17.68
C ILE B 60 -11.69 -3.77 -16.35
N THR B 61 -11.98 -2.74 -15.56
CA THR B 61 -12.57 -2.99 -14.26
C THR B 61 -14.00 -3.48 -14.31
N LYS B 62 -14.71 -3.20 -15.40
CA LYS B 62 -16.06 -3.69 -15.46
C LYS B 62 -15.98 -5.21 -15.32
N LEU B 63 -14.85 -5.78 -15.75
CA LEU B 63 -14.60 -7.22 -15.67
C LEU B 63 -13.98 -7.58 -14.34
N THR B 64 -13.20 -6.64 -13.82
CA THR B 64 -12.53 -6.80 -12.54
C THR B 64 -13.50 -6.78 -11.37
N ALA B 65 -14.40 -5.80 -11.39
CA ALA B 65 -15.40 -5.58 -10.37
C ALA B 65 -15.77 -6.77 -9.47
N PRO B 66 -16.26 -7.88 -10.06
CA PRO B 66 -16.67 -9.05 -9.27
C PRO B 66 -15.58 -9.92 -8.62
N TYR B 67 -14.32 -9.50 -8.75
CA TYR B 67 -13.24 -10.30 -8.19
C TYR B 67 -12.28 -9.54 -7.28
N ARG B 68 -11.46 -10.32 -6.58
CA ARG B 68 -10.46 -9.79 -5.66
C ARG B 68 -9.06 -9.88 -6.29
N HIS B 69 -8.87 -10.86 -7.17
CA HIS B 69 -7.58 -11.03 -7.84
C HIS B 69 -7.77 -11.04 -9.36
N ALA B 70 -6.95 -10.27 -10.08
CA ALA B 70 -7.03 -10.24 -11.53
C ALA B 70 -5.65 -9.93 -12.07
N GLN B 71 -5.04 -10.87 -12.79
CA GLN B 71 -3.72 -10.61 -13.35
C GLN B 71 -3.70 -10.78 -14.85
N ILE B 72 -2.87 -9.97 -15.50
CA ILE B 72 -2.73 -9.96 -16.94
C ILE B 72 -2.03 -11.20 -17.44
N VAL B 73 -2.63 -11.89 -18.40
CA VAL B 73 -2.01 -13.07 -18.97
C VAL B 73 -1.13 -12.61 -20.12
N GLU B 74 -1.72 -11.78 -20.98
CA GLU B 74 -1.00 -11.23 -22.11
C GLU B 74 -1.72 -9.95 -22.38
N CYS B 75 -1.07 -9.04 -23.09
CA CYS B 75 -1.68 -7.76 -23.38
C CYS B 75 -0.88 -7.00 -24.42
N LYS B 76 -1.58 -6.40 -25.40
CA LYS B 76 -0.91 -5.64 -26.44
C LYS B 76 -1.67 -4.38 -26.81
N ALA B 77 -0.94 -3.41 -27.36
CA ALA B 77 -1.53 -2.16 -27.80
C ALA B 77 -1.68 -2.29 -29.32
N ILE B 78 -2.88 -2.01 -29.82
CA ILE B 78 -3.16 -2.11 -31.23
C ILE B 78 -3.42 -0.72 -31.83
N LEU B 79 -2.52 -0.29 -32.72
CA LEU B 79 -2.60 1.01 -33.38
C LEU B 79 -3.26 0.79 -34.74
N THR B 80 -4.38 1.48 -35.00
CA THR B 80 -5.07 1.29 -36.28
C THR B 80 -5.46 2.58 -37.01
N PRO B 81 -4.89 2.80 -38.20
CA PRO B 81 -5.20 3.99 -38.98
C PRO B 81 -6.49 3.80 -39.76
N THR B 82 -7.10 4.91 -40.16
CA THR B 82 -8.34 4.87 -40.94
C THR B 82 -8.12 5.65 -42.23
N ASP B 83 -8.97 5.45 -43.24
CA ASP B 83 -8.84 6.15 -44.51
C ASP B 83 -8.44 7.62 -44.39
N LEU B 84 -8.98 8.29 -43.36
CA LEU B 84 -8.68 9.70 -43.15
C LEU B 84 -7.19 9.96 -43.06
N ALA B 85 -6.45 8.99 -42.57
CA ALA B 85 -5.01 9.11 -42.42
C ALA B 85 -4.25 9.15 -43.75
N VAL B 86 -4.82 8.52 -44.77
CA VAL B 86 -4.16 8.49 -46.08
C VAL B 86 -3.92 9.91 -46.61
N SER B 87 -4.94 10.77 -46.47
CA SER B 87 -4.87 12.14 -46.95
C SER B 87 -4.21 13.07 -45.95
N ASN B 88 -4.45 12.82 -44.67
CA ASN B 88 -3.89 13.64 -43.60
C ASN B 88 -3.09 12.82 -42.61
N PRO B 89 -1.87 12.40 -42.99
CA PRO B 89 -1.03 11.60 -42.12
C PRO B 89 -0.86 12.21 -40.73
N LEU B 90 -0.19 11.48 -39.86
CA LEU B 90 0.05 11.91 -38.49
C LEU B 90 1.16 11.05 -37.90
N THR B 91 1.68 11.48 -36.77
CA THR B 91 2.75 10.73 -36.09
C THR B 91 2.31 10.43 -34.67
N VAL B 92 2.41 9.16 -34.27
CA VAL B 92 2.01 8.70 -32.93
C VAL B 92 3.17 8.14 -32.13
N TYR B 93 3.19 8.44 -30.82
CA TYR B 93 4.24 7.96 -29.91
C TYR B 93 3.65 6.92 -28.96
N LEU B 94 4.43 5.90 -28.66
CA LEU B 94 3.95 4.83 -27.80
C LEU B 94 4.98 4.32 -26.83
N ALA B 95 4.55 4.13 -25.60
CA ALA B 95 5.41 3.64 -24.55
C ALA B 95 4.58 2.89 -23.56
N TRP B 96 5.09 1.74 -23.13
CA TRP B 96 4.44 0.96 -22.12
C TRP B 96 5.34 1.18 -20.92
N VAL B 97 4.82 1.83 -19.89
CA VAL B 97 5.61 2.12 -18.70
C VAL B 97 4.84 1.79 -17.42
N PRO B 98 5.55 1.61 -16.31
CA PRO B 98 4.79 1.32 -15.08
C PRO B 98 4.16 2.63 -14.60
N ALA B 99 3.00 2.56 -13.94
CA ALA B 99 2.30 3.76 -13.48
C ALA B 99 3.18 4.77 -12.73
N ASN B 100 4.22 4.28 -12.08
CA ASN B 100 5.15 5.11 -11.30
C ASN B 100 5.96 6.07 -12.15
N SER B 101 6.25 5.67 -13.37
CA SER B 101 7.06 6.48 -14.28
C SER B 101 6.61 7.92 -14.38
N PRO B 102 7.51 8.86 -14.05
CA PRO B 102 7.25 10.30 -14.09
C PRO B 102 7.25 10.83 -15.53
N ALA B 103 7.18 9.91 -16.48
CA ALA B 103 7.17 10.28 -17.88
C ALA B 103 5.78 10.63 -18.38
N THR B 104 5.71 11.75 -19.11
CA THR B 104 4.45 12.23 -19.68
C THR B 104 4.46 11.97 -21.19
N PRO B 105 3.28 11.72 -21.79
CA PRO B 105 3.20 11.45 -23.23
C PRO B 105 3.95 12.41 -24.14
N THR B 106 4.10 13.65 -23.70
CA THR B 106 4.79 14.63 -24.51
C THR B 106 6.28 14.36 -24.59
N GLN B 107 6.74 13.36 -23.84
CA GLN B 107 8.17 13.02 -23.82
C GLN B 107 8.46 11.53 -23.95
N ILE B 108 7.64 10.85 -24.74
CA ILE B 108 7.80 9.40 -24.91
C ILE B 108 9.13 9.00 -25.53
N LEU B 109 9.56 9.73 -26.54
CA LEU B 109 10.82 9.41 -27.22
C LEU B 109 12.04 9.54 -26.33
N ARG B 110 11.86 10.06 -25.12
CA ARG B 110 12.98 10.21 -24.22
C ARG B 110 12.92 9.09 -23.20
N VAL B 111 12.16 8.05 -23.54
CA VAL B 111 12.01 6.89 -22.65
C VAL B 111 12.53 5.66 -23.37
N TYR B 112 13.39 4.89 -22.70
CA TYR B 112 13.93 3.68 -23.30
C TYR B 112 12.82 2.73 -23.74
N GLY B 113 12.65 2.62 -25.05
CA GLY B 113 11.62 1.74 -25.59
C GLY B 113 10.64 2.53 -26.43
N GLY B 114 10.42 3.80 -26.05
CA GLY B 114 9.49 4.67 -26.76
C GLY B 114 9.64 4.65 -28.27
N GLN B 115 8.55 4.32 -28.96
CA GLN B 115 8.56 4.25 -30.42
C GLN B 115 7.76 5.37 -31.06
N SER B 116 8.02 5.62 -32.35
CA SER B 116 7.31 6.65 -33.11
C SER B 116 6.83 6.03 -34.42
N PHE B 117 5.54 6.18 -34.71
CA PHE B 117 4.99 5.62 -35.96
C PHE B 117 4.32 6.68 -36.80
N VAL B 118 4.49 6.56 -38.11
CA VAL B 118 3.89 7.51 -39.03
C VAL B 118 2.73 6.84 -39.75
N LEU B 119 1.50 7.27 -39.45
CA LEU B 119 0.33 6.66 -40.08
C LEU B 119 -0.26 7.47 -41.21
N GLY B 120 -0.44 6.83 -42.36
CA GLY B 120 -1.04 7.52 -43.49
C GLY B 120 -0.12 7.98 -44.60
N GLY B 121 -0.56 8.97 -45.36
CA GLY B 121 0.23 9.48 -46.46
C GLY B 121 0.21 8.54 -47.65
N ALA B 122 0.40 9.07 -48.85
CA ALA B 122 0.39 8.26 -50.07
C ALA B 122 1.57 7.30 -50.15
N ILE B 123 2.63 7.61 -49.42
CA ILE B 123 3.85 6.82 -49.39
C ILE B 123 3.71 5.42 -48.79
N SER B 124 3.10 5.33 -47.62
CA SER B 124 2.97 4.06 -46.90
C SER B 124 1.71 3.22 -47.14
N ALA B 125 1.61 2.13 -46.37
CA ALA B 125 0.45 1.24 -46.45
C ALA B 125 -0.34 1.51 -45.17
N ALA B 126 -1.54 0.97 -45.09
CA ALA B 126 -2.36 1.18 -43.90
C ALA B 126 -2.32 -0.03 -42.98
N LYS B 127 -1.12 -0.42 -42.56
CA LYS B 127 -0.96 -1.57 -41.68
C LYS B 127 -1.43 -1.29 -40.26
N THR B 128 -1.77 -2.35 -39.53
CA THR B 128 -2.18 -2.22 -38.15
C THR B 128 -0.95 -2.54 -37.31
N ILE B 129 -0.50 -1.59 -36.51
CA ILE B 129 0.68 -1.82 -35.70
C ILE B 129 0.32 -2.32 -34.31
N GLU B 130 1.01 -3.39 -33.89
CA GLU B 130 0.79 -3.99 -32.58
C GLU B 130 2.05 -3.91 -31.73
N VAL B 131 1.92 -3.30 -30.56
CA VAL B 131 3.05 -3.18 -29.65
C VAL B 131 2.66 -3.81 -28.32
N PRO B 132 3.05 -5.09 -28.12
CA PRO B 132 2.76 -5.84 -26.90
C PRO B 132 3.45 -5.29 -25.66
N LEU B 133 2.85 -5.57 -24.51
CA LEU B 133 3.35 -5.14 -23.21
C LEU B 133 4.24 -6.24 -22.64
N ASN B 134 5.52 -5.94 -22.42
CA ASN B 134 6.46 -6.90 -21.87
C ASN B 134 6.14 -7.07 -20.38
N LEU B 135 5.49 -8.18 -20.01
CA LEU B 135 5.12 -8.41 -18.63
C LEU B 135 6.25 -8.45 -17.59
N ASP B 136 7.51 -8.57 -18.03
CA ASP B 136 8.64 -8.60 -17.10
C ASP B 136 9.03 -7.17 -16.76
N SER B 137 8.40 -6.26 -17.46
CA SER B 137 8.55 -4.83 -17.26
C SER B 137 7.16 -4.58 -16.66
N VAL B 138 7.07 -4.09 -15.43
CA VAL B 138 5.78 -3.83 -14.76
C VAL B 138 5.14 -4.98 -13.98
N ASN B 139 4.12 -4.63 -13.21
CA ASN B 139 3.40 -5.56 -12.36
C ASN B 139 2.23 -6.17 -13.10
N ARG B 140 2.12 -7.49 -13.04
CA ARG B 140 1.07 -8.19 -13.76
C ARG B 140 -0.31 -8.03 -13.12
N MET B 141 -0.34 -7.98 -11.79
CA MET B 141 -1.58 -7.87 -11.05
C MET B 141 -2.32 -6.53 -11.22
N LEU B 142 -3.53 -6.57 -11.74
CA LEU B 142 -4.30 -5.35 -11.91
C LEU B 142 -5.18 -5.08 -10.69
N LYS B 143 -5.53 -6.13 -9.96
CA LYS B 143 -6.35 -6.02 -8.75
C LYS B 143 -5.88 -7.13 -7.79
N ASP B 144 -5.52 -6.74 -6.58
CA ASP B 144 -5.03 -7.71 -5.58
C ASP B 144 -5.40 -7.22 -4.18
N SER B 145 -5.04 -8.01 -3.17
CA SER B 145 -5.34 -7.70 -1.76
C SER B 145 -4.59 -6.47 -1.25
N VAL B 146 -3.68 -5.98 -2.09
CA VAL B 146 -2.90 -4.76 -1.83
C VAL B 146 -2.88 -4.07 -3.19
N THR B 147 -2.70 -2.76 -3.22
CA THR B 147 -2.66 -2.08 -4.51
C THR B 147 -1.21 -1.74 -4.80
N TYR B 148 -0.71 -2.24 -5.93
CA TYR B 148 0.67 -2.01 -6.32
C TYR B 148 0.75 -0.74 -7.16
N THR B 149 1.92 -0.13 -7.18
CA THR B 149 2.12 1.07 -7.97
C THR B 149 2.73 0.69 -9.30
N ASP B 150 3.32 -0.51 -9.35
CA ASP B 150 3.99 -1.07 -10.55
C ASP B 150 3.12 -1.29 -11.78
N THR B 151 1.80 -1.19 -11.61
CA THR B 151 0.83 -1.37 -12.68
C THR B 151 1.23 -0.91 -14.08
N PRO B 152 0.82 -1.68 -15.11
CA PRO B 152 1.14 -1.32 -16.50
C PRO B 152 0.30 -0.11 -16.91
N LYS B 153 0.94 0.80 -17.66
CA LYS B 153 0.31 2.03 -18.13
C LYS B 153 0.80 2.38 -19.54
N LEU B 154 -0.13 2.62 -20.44
CA LEU B 154 0.20 2.97 -21.81
C LEU B 154 0.32 4.48 -21.98
N LEU B 155 1.40 4.91 -22.62
CA LEU B 155 1.62 6.32 -22.90
C LEU B 155 1.53 6.45 -24.40
N ALA B 156 0.72 7.40 -24.86
CA ALA B 156 0.56 7.63 -26.29
C ALA B 156 0.40 9.12 -26.50
N TYR B 157 0.87 9.63 -27.63
CA TYR B 157 0.75 11.03 -27.93
C TYR B 157 0.88 11.33 -29.41
N SER B 158 0.22 12.39 -29.85
CA SER B 158 0.27 12.82 -31.23
C SER B 158 -0.01 14.32 -31.26
N ARG B 159 0.74 15.04 -32.08
CA ARG B 159 0.59 16.49 -32.21
C ARG B 159 -0.79 16.83 -32.78
N ALA B 160 -1.27 18.03 -32.50
CA ALA B 160 -2.57 18.45 -33.00
C ALA B 160 -2.60 18.30 -34.51
N PRO B 161 -3.60 17.55 -35.04
CA PRO B 161 -3.80 17.29 -36.47
C PRO B 161 -3.78 18.50 -37.40
N THR B 162 -3.07 18.38 -38.51
CA THR B 162 -2.96 19.45 -39.50
C THR B 162 -4.35 19.88 -39.96
N ASN B 163 -5.23 18.91 -40.13
CA ASN B 163 -6.60 19.20 -40.54
C ASN B 163 -7.56 18.47 -39.60
N PRO B 164 -7.99 19.15 -38.52
CA PRO B 164 -8.91 18.56 -37.54
C PRO B 164 -10.32 18.32 -38.08
N SER B 165 -10.98 17.27 -37.59
CA SER B 165 -12.35 16.91 -37.97
C SER B 165 -12.87 15.96 -36.91
N LYS B 166 -14.18 15.85 -36.77
CA LYS B 166 -14.72 14.98 -35.74
C LYS B 166 -14.69 13.49 -36.15
N ILE B 167 -14.12 13.23 -37.32
CA ILE B 167 -13.98 11.86 -37.84
C ILE B 167 -12.52 11.45 -37.56
N PRO B 168 -12.32 10.49 -36.64
CA PRO B 168 -10.99 9.99 -36.25
C PRO B 168 -10.10 9.53 -37.40
N THR B 169 -8.80 9.76 -37.25
CA THR B 169 -7.82 9.39 -38.28
C THR B 169 -7.09 8.09 -37.93
N ALA B 170 -6.96 7.84 -36.63
CA ALA B 170 -6.31 6.64 -36.14
C ALA B 170 -6.76 6.42 -34.70
N SER B 171 -6.74 5.17 -34.25
CA SER B 171 -7.16 4.86 -32.89
C SER B 171 -6.31 3.71 -32.38
N ILE B 172 -6.15 3.63 -31.07
CA ILE B 172 -5.37 2.54 -30.52
C ILE B 172 -6.20 1.82 -29.46
N GLN B 173 -6.35 0.52 -29.64
CA GLN B 173 -7.10 -0.31 -28.71
C GLN B 173 -6.10 -1.12 -27.90
N ILE B 174 -6.55 -1.67 -26.78
CA ILE B 174 -5.72 -2.50 -25.91
C ILE B 174 -6.46 -3.80 -25.67
N SER B 175 -5.96 -4.89 -26.25
CA SER B 175 -6.61 -6.19 -26.08
C SER B 175 -5.73 -7.07 -25.20
N GLY B 176 -6.32 -8.14 -24.68
CA GLY B 176 -5.55 -9.03 -23.84
C GLY B 176 -6.42 -10.02 -23.10
N ARG B 177 -5.82 -10.70 -22.13
CA ARG B 177 -6.53 -11.67 -21.34
C ARG B 177 -6.18 -11.52 -19.86
N ILE B 178 -7.21 -11.60 -19.02
CA ILE B 178 -7.07 -11.47 -17.58
C ILE B 178 -7.54 -12.73 -16.86
N ARG B 179 -6.84 -13.09 -15.78
CA ARG B 179 -7.20 -14.24 -14.98
C ARG B 179 -7.85 -13.73 -13.70
N LEU B 180 -9.16 -13.99 -13.57
CA LEU B 180 -9.89 -13.56 -12.40
C LEU B 180 -9.97 -14.66 -11.34
N SER B 181 -9.63 -14.30 -10.10
CA SER B 181 -9.61 -15.22 -8.97
C SER B 181 -10.56 -14.80 -7.88
N LYS B 182 -10.21 -15.15 -6.65
CA LYS B 182 -11.02 -14.86 -5.46
C LYS B 182 -12.19 -13.90 -5.64
N PRO B 183 -13.42 -14.44 -5.78
CA PRO B 183 -14.66 -13.65 -5.97
C PRO B 183 -14.91 -12.58 -4.91
N MET B 184 -15.36 -11.41 -5.35
CA MET B 184 -15.63 -10.33 -4.42
C MET B 184 -17.11 -10.20 -4.14
N LEU B 185 -17.48 -10.14 -2.87
CA LEU B 185 -18.88 -9.98 -2.51
C LEU B 185 -19.34 -8.60 -2.94
N ILE B 186 -20.07 -8.53 -4.03
CA ILE B 186 -20.55 -7.25 -4.53
C ILE B 186 -22.08 -7.17 -4.47
N ALA B 187 -22.61 -5.97 -4.72
CA ALA B 187 -24.06 -5.74 -4.71
C ALA B 187 -24.60 -6.17 -6.05
N ASN B 188 -25.43 -7.22 -6.02
CA ASN B 188 -26.06 -7.82 -7.20
C ASN B 188 -25.22 -9.03 -7.72
N SER C 4 40.51 9.48 21.82
CA SER C 4 39.33 8.92 21.09
C SER C 4 39.04 7.43 21.36
N GLU C 5 38.20 6.85 20.51
CA GLU C 5 37.76 5.47 20.64
C GLU C 5 36.40 5.49 19.96
N VAL C 6 35.92 4.32 19.57
CA VAL C 6 34.60 4.20 18.97
C VAL C 6 34.02 3.07 19.79
N VAL C 7 32.78 3.22 20.23
CA VAL C 7 32.16 2.19 21.05
C VAL C 7 30.88 1.74 20.40
N LYS C 8 30.81 0.46 20.10
CA LYS C 8 29.63 -0.10 19.47
C LYS C 8 28.75 -0.70 20.56
N VAL C 9 27.63 -0.03 20.83
CA VAL C 9 26.69 -0.47 21.83
C VAL C 9 25.38 -0.99 21.21
N LYS C 10 25.29 -2.32 21.09
CA LYS C 10 24.11 -2.94 20.49
C LYS C 10 22.84 -2.77 21.32
N GLN C 11 21.72 -2.66 20.61
CA GLN C 11 20.43 -2.46 21.24
C GLN C 11 19.71 -3.77 21.51
N ALA C 12 19.23 -3.94 22.73
CA ALA C 12 18.48 -5.15 23.08
C ALA C 12 17.44 -5.33 21.98
N SER C 13 17.43 -6.51 21.37
CA SER C 13 16.51 -6.73 20.27
C SER C 13 15.75 -8.06 20.31
N ILE C 14 14.65 -8.11 19.58
CA ILE C 14 13.81 -9.31 19.46
C ILE C 14 13.59 -9.59 18.00
N PRO C 15 13.78 -10.85 17.58
CA PRO C 15 13.57 -11.20 16.17
C PRO C 15 12.14 -10.90 15.78
N ALA C 16 11.97 -10.10 14.74
CA ALA C 16 10.64 -9.71 14.25
C ALA C 16 10.80 -9.04 12.89
N PRO C 17 11.22 -9.80 11.87
CA PRO C 17 11.44 -9.33 10.50
C PRO C 17 10.15 -8.92 9.84
N GLY C 18 10.23 -7.94 8.94
CA GLY C 18 9.04 -7.50 8.24
C GLY C 18 8.89 -8.34 6.99
N SER C 19 7.68 -8.81 6.71
CA SER C 19 7.42 -9.64 5.54
C SER C 19 7.68 -8.83 4.26
N ILE C 20 8.12 -9.51 3.21
CA ILE C 20 8.42 -8.83 1.96
C ILE C 20 7.75 -9.52 0.79
N LEU C 21 7.32 -8.75 -0.20
CA LEU C 21 6.70 -9.34 -1.39
C LEU C 21 7.77 -10.20 -2.09
N SER C 22 7.33 -11.18 -2.87
CA SER C 22 8.25 -12.05 -3.59
C SER C 22 8.38 -11.66 -5.05
N GLN C 23 9.49 -12.05 -5.66
CA GLN C 23 9.76 -11.76 -7.07
C GLN C 23 9.39 -12.93 -7.96
N PRO C 24 8.65 -12.69 -9.06
CA PRO C 24 8.31 -13.82 -9.92
C PRO C 24 9.61 -14.47 -10.38
N ASN C 25 9.58 -15.77 -10.70
CA ASN C 25 10.82 -16.43 -11.11
C ASN C 25 11.28 -16.07 -12.53
N THR C 26 10.78 -14.97 -13.07
CA THR C 26 11.16 -14.53 -14.41
C THR C 26 12.61 -14.06 -14.27
N GLU C 27 13.18 -13.51 -15.33
CA GLU C 27 14.56 -13.04 -15.27
C GLU C 27 14.61 -11.81 -14.37
N GLN C 28 15.52 -11.83 -13.40
CA GLN C 28 15.67 -10.73 -12.43
C GLN C 28 16.39 -9.50 -12.99
N SER C 29 16.30 -8.39 -12.26
CA SER C 29 16.94 -7.14 -12.67
C SER C 29 18.33 -7.08 -12.05
N PRO C 30 19.26 -6.38 -12.72
CA PRO C 30 20.61 -6.28 -12.15
C PRO C 30 20.51 -5.44 -10.88
N ALA C 31 21.61 -5.30 -10.15
CA ALA C 31 21.54 -4.52 -8.92
C ALA C 31 22.86 -3.90 -8.50
N ILE C 32 22.77 -2.69 -7.95
CA ILE C 32 23.95 -1.98 -7.48
C ILE C 32 23.78 -1.80 -5.97
N VAL C 33 24.88 -1.48 -5.28
CA VAL C 33 24.82 -1.25 -3.84
C VAL C 33 25.58 0.02 -3.53
N LEU C 34 24.84 1.07 -3.21
CA LEU C 34 25.44 2.36 -2.91
C LEU C 34 25.46 2.58 -1.41
N PRO C 35 26.50 3.27 -0.91
CA PRO C 35 26.62 3.55 0.52
C PRO C 35 25.99 4.91 0.76
N PHE C 36 25.74 5.24 2.02
CA PHE C 36 25.14 6.52 2.35
C PHE C 36 25.40 6.84 3.80
N GLN C 37 25.39 8.14 4.11
CA GLN C 37 25.62 8.61 5.46
C GLN C 37 25.21 10.08 5.53
N PHE C 38 24.15 10.37 6.28
CA PHE C 38 23.68 11.75 6.42
C PHE C 38 23.52 12.10 7.89
N GLU C 39 23.18 13.36 8.15
CA GLU C 39 22.99 13.82 9.51
C GLU C 39 21.54 13.56 9.87
N ALA C 40 21.31 12.94 11.02
CA ALA C 40 19.96 12.65 11.48
C ALA C 40 19.45 13.82 12.30
N THR C 41 20.23 14.25 13.28
CA THR C 41 19.87 15.39 14.13
C THR C 41 21.05 16.07 14.79
N THR C 42 20.75 17.06 15.61
CA THR C 42 21.76 17.83 16.33
C THR C 42 21.28 18.18 17.73
N PHE C 43 22.17 18.08 18.70
CA PHE C 43 21.83 18.38 20.09
C PHE C 43 22.61 19.60 20.58
N GLY C 44 22.06 20.28 21.58
CA GLY C 44 22.77 21.42 22.14
C GLY C 44 22.13 22.77 21.91
N THR C 45 21.45 22.92 20.78
CA THR C 45 20.79 24.19 20.47
C THR C 45 19.47 24.36 21.22
N ALA C 46 18.70 23.28 21.29
CA ALA C 46 17.42 23.31 22.00
C ALA C 46 16.94 21.88 22.21
N GLU C 47 15.96 21.71 23.09
CA GLU C 47 15.45 20.38 23.32
C GLU C 47 15.12 19.77 21.97
N THR C 48 15.91 18.79 21.54
CA THR C 48 15.66 18.15 20.27
C THR C 48 15.22 16.71 20.50
N ALA C 49 14.01 16.39 20.04
CA ALA C 49 13.45 15.05 20.18
C ALA C 49 12.95 14.68 18.80
N ALA C 50 13.82 14.11 17.98
CA ALA C 50 13.44 13.77 16.63
C ALA C 50 13.15 12.30 16.38
N GLN C 51 12.41 12.06 15.30
CA GLN C 51 12.05 10.74 14.83
C GLN C 51 12.44 10.84 13.38
N VAL C 52 13.40 10.02 12.96
CA VAL C 52 13.78 10.03 11.57
C VAL C 52 13.38 8.69 10.97
N SER C 53 12.62 8.72 9.89
CA SER C 53 12.17 7.49 9.25
C SER C 53 12.96 7.28 7.98
N LEU C 54 13.67 6.17 7.88
CA LEU C 54 14.48 5.90 6.69
C LEU C 54 13.64 5.94 5.43
N GLN C 55 12.34 5.69 5.57
CA GLN C 55 11.43 5.74 4.44
C GLN C 55 11.44 7.14 3.81
N THR C 56 11.10 8.14 4.62
CA THR C 56 11.03 9.54 4.23
C THR C 56 12.39 10.19 3.99
N ALA C 57 13.42 9.67 4.66
CA ALA C 57 14.79 10.18 4.58
C ALA C 57 15.17 10.77 3.23
N ASP C 58 15.28 12.09 3.18
CA ASP C 58 15.63 12.78 1.94
C ASP C 58 16.94 12.34 1.30
N PRO C 59 18.04 12.38 2.07
CA PRO C 59 19.33 11.97 1.52
C PRO C 59 19.34 10.57 0.94
N ILE C 60 18.68 9.65 1.64
CA ILE C 60 18.61 8.25 1.22
C ILE C 60 17.85 8.10 -0.07
N THR C 61 16.69 8.71 -0.15
CA THR C 61 15.89 8.56 -1.34
C THR C 61 16.36 9.36 -2.55
N LYS C 62 17.35 10.20 -2.38
CA LYS C 62 17.87 10.92 -3.53
C LYS C 62 18.64 9.84 -4.29
N LEU C 63 19.14 8.88 -3.53
CA LEU C 63 19.88 7.75 -4.09
C LEU C 63 18.87 6.73 -4.62
N THR C 64 17.77 6.60 -3.88
CA THR C 64 16.69 5.67 -4.19
C THR C 64 15.81 6.08 -5.37
N ALA C 65 15.79 7.37 -5.66
CA ALA C 65 14.96 7.94 -6.71
C ALA C 65 14.82 7.13 -8.00
N PRO C 66 15.91 7.00 -8.78
CA PRO C 66 15.91 6.27 -10.05
C PRO C 66 15.52 4.80 -10.05
N TYR C 67 15.43 4.19 -8.87
CA TYR C 67 15.07 2.78 -8.83
C TYR C 67 13.67 2.52 -8.27
N ARG C 68 13.16 1.34 -8.57
CA ARG C 68 11.83 0.95 -8.14
C ARG C 68 11.87 0.05 -6.90
N HIS C 69 12.90 -0.80 -6.81
CA HIS C 69 13.07 -1.72 -5.69
C HIS C 69 14.37 -1.42 -4.92
N ALA C 70 14.24 -1.02 -3.65
CA ALA C 70 15.38 -0.68 -2.81
C ALA C 70 15.32 -1.29 -1.41
N GLN C 71 16.37 -2.02 -1.04
CA GLN C 71 16.42 -2.63 0.29
C GLN C 71 17.75 -2.38 0.99
N ILE C 72 17.66 -2.17 2.30
CA ILE C 72 18.82 -1.91 3.13
C ILE C 72 19.63 -3.17 3.32
N VAL C 73 20.94 -3.00 3.38
CA VAL C 73 21.84 -4.10 3.58
C VAL C 73 22.32 -4.03 5.01
N GLU C 74 22.81 -2.86 5.37
CA GLU C 74 23.30 -2.64 6.72
C GLU C 74 23.04 -1.18 7.04
N CYS C 75 22.88 -0.90 8.32
CA CYS C 75 22.61 0.44 8.78
C CYS C 75 22.99 0.54 10.24
N LYS C 76 23.54 1.68 10.64
CA LYS C 76 23.91 1.92 12.03
C LYS C 76 23.75 3.39 12.38
N ALA C 77 23.38 3.68 13.62
CA ALA C 77 23.23 5.06 14.03
C ALA C 77 24.55 5.45 14.68
N ILE C 78 25.05 6.64 14.33
CA ILE C 78 26.32 7.14 14.87
C ILE C 78 26.15 8.42 15.72
N LEU C 79 26.40 8.29 17.03
CA LEU C 79 26.27 9.41 17.97
C LEU C 79 27.64 10.07 18.15
N THR C 80 27.75 11.32 17.73
CA THR C 80 29.02 12.04 17.80
C THR C 80 29.09 13.29 18.66
N PRO C 81 29.76 13.20 19.82
CA PRO C 81 29.88 14.37 20.69
C PRO C 81 30.91 15.33 20.12
N THR C 82 30.84 16.61 20.52
CA THR C 82 31.78 17.63 20.05
C THR C 82 32.51 18.28 21.24
N ASP C 83 33.62 18.97 20.96
CA ASP C 83 34.39 19.60 22.02
C ASP C 83 33.49 20.37 22.99
N LEU C 84 32.42 20.97 22.46
CA LEU C 84 31.50 21.73 23.29
C LEU C 84 30.96 20.88 24.45
N ALA C 85 30.53 19.67 24.11
CA ALA C 85 29.99 18.73 25.07
C ALA C 85 30.94 18.36 26.22
N VAL C 86 32.22 18.66 26.05
CA VAL C 86 33.20 18.34 27.08
C VAL C 86 32.91 19.04 28.40
N SER C 87 32.72 20.35 28.32
CA SER C 87 32.46 21.16 29.49
C SER C 87 30.97 21.50 29.61
N ASN C 88 30.17 20.94 28.71
CA ASN C 88 28.73 21.18 28.69
C ASN C 88 27.95 19.90 28.34
N PRO C 89 28.04 18.89 29.21
CA PRO C 89 27.38 17.59 29.07
C PRO C 89 25.93 17.62 28.63
N LEU C 90 25.44 16.43 28.29
CA LEU C 90 24.08 16.21 27.84
C LEU C 90 23.85 14.71 27.85
N THR C 91 22.58 14.31 27.93
CA THR C 91 22.23 12.90 27.91
C THR C 91 21.37 12.66 26.67
N VAL C 92 21.65 11.58 25.95
CA VAL C 92 20.91 11.25 24.74
C VAL C 92 20.22 9.90 24.84
N TYR C 93 19.05 9.80 24.21
CA TYR C 93 18.27 8.56 24.20
C TYR C 93 18.19 8.09 22.75
N LEU C 94 18.34 6.79 22.54
CA LEU C 94 18.29 6.22 21.20
C LEU C 94 17.50 4.95 21.13
N ALA C 95 16.79 4.75 20.03
CA ALA C 95 15.99 3.56 19.87
C ALA C 95 15.66 3.32 18.41
N TRP C 96 15.91 2.11 17.91
CA TRP C 96 15.57 1.80 16.54
C TRP C 96 14.20 1.14 16.62
N VAL C 97 13.22 1.80 16.00
CA VAL C 97 11.82 1.36 16.01
C VAL C 97 11.27 1.04 14.61
N PRO C 98 10.22 0.20 14.54
CA PRO C 98 9.62 -0.17 13.27
C PRO C 98 8.80 0.86 12.47
N ALA C 99 8.62 2.08 12.98
CA ALA C 99 7.89 3.10 12.21
C ALA C 99 6.39 3.03 12.33
N ASN C 100 5.83 1.83 12.28
CA ASN C 100 4.39 1.69 12.43
C ASN C 100 4.23 1.35 13.91
N SER C 101 5.01 2.02 14.73
CA SER C 101 5.00 1.80 16.17
C SER C 101 4.72 3.11 16.88
N PRO C 102 3.98 3.07 18.01
CA PRO C 102 3.72 4.33 18.71
C PRO C 102 5.07 4.70 19.32
N ALA C 103 5.08 5.37 20.46
CA ALA C 103 6.35 5.71 21.10
C ALA C 103 7.01 6.99 20.64
N THR C 104 6.77 8.04 21.40
CA THR C 104 7.34 9.35 21.15
C THR C 104 8.79 9.27 21.63
N PRO C 105 9.70 10.03 21.03
CA PRO C 105 11.08 9.95 21.51
C PRO C 105 11.20 10.28 23.00
N THR C 106 10.15 10.86 23.58
CA THR C 106 10.15 11.19 25.01
C THR C 106 10.03 9.92 25.84
N GLN C 107 9.61 8.83 25.19
CA GLN C 107 9.40 7.51 25.83
C GLN C 107 10.44 6.45 25.49
N ILE C 108 11.58 6.84 24.94
CA ILE C 108 12.61 5.88 24.56
C ILE C 108 13.05 4.95 25.68
N LEU C 109 13.01 5.43 26.92
CA LEU C 109 13.42 4.59 28.05
C LEU C 109 12.33 3.59 28.45
N ARG C 110 11.19 3.65 27.76
CA ARG C 110 10.09 2.74 28.03
C ARG C 110 9.94 1.74 26.89
N VAL C 111 10.79 1.86 25.88
CA VAL C 111 10.76 0.94 24.75
C VAL C 111 11.81 -0.13 24.97
N TYR C 112 11.45 -1.39 24.71
CA TYR C 112 12.38 -2.49 24.96
C TYR C 112 13.87 -2.21 24.72
N GLY C 113 14.28 -2.01 23.48
CA GLY C 113 15.69 -1.76 23.24
C GLY C 113 16.32 -0.56 23.95
N GLY C 114 15.55 0.53 24.04
CA GLY C 114 15.94 1.80 24.65
C GLY C 114 17.24 2.00 25.42
N GLN C 115 18.07 2.93 24.96
CA GLN C 115 19.34 3.22 25.61
C GLN C 115 19.56 4.70 25.94
N SER C 116 20.39 4.95 26.97
CA SER C 116 20.72 6.29 27.41
C SER C 116 22.24 6.48 27.48
N PHE C 117 22.76 7.53 26.86
CA PHE C 117 24.21 7.79 26.88
C PHE C 117 24.54 9.18 27.40
N VAL C 118 25.64 9.30 28.13
CA VAL C 118 26.06 10.59 28.65
C VAL C 118 27.24 11.07 27.82
N LEU C 119 27.09 12.21 27.16
CA LEU C 119 28.17 12.76 26.33
C LEU C 119 28.88 13.90 27.06
N GLY C 120 30.18 13.75 27.25
CA GLY C 120 30.96 14.78 27.91
C GLY C 120 30.83 14.70 29.41
N GLY C 121 31.41 15.66 30.12
CA GLY C 121 31.33 15.66 31.58
C GLY C 121 32.09 14.52 32.22
N ALA C 122 31.49 13.32 32.23
CA ALA C 122 32.13 12.14 32.82
C ALA C 122 33.32 11.70 31.97
N ILE C 123 34.22 10.96 32.60
CA ILE C 123 35.42 10.48 31.92
C ILE C 123 35.16 9.67 30.65
N SER C 124 36.07 9.84 29.68
CA SER C 124 36.02 9.19 28.39
C SER C 124 34.62 9.24 27.78
N ALA C 125 33.96 10.37 27.94
CA ALA C 125 32.61 10.54 27.40
C ALA C 125 32.65 11.21 26.03
N ALA C 126 33.86 11.48 25.55
CA ALA C 126 34.04 12.11 24.24
C ALA C 126 34.03 11.08 23.11
N LYS C 127 33.91 9.81 23.47
CA LYS C 127 33.89 8.73 22.49
C LYS C 127 32.67 8.81 21.59
N THR C 128 32.77 8.20 20.41
CA THR C 128 31.66 8.18 19.46
C THR C 128 30.89 6.89 19.77
N ILE C 129 29.57 6.98 19.95
CA ILE C 129 28.78 5.78 20.21
C ILE C 129 28.24 5.26 18.87
N GLU C 130 28.04 3.95 18.76
CA GLU C 130 27.51 3.36 17.55
C GLU C 130 26.40 2.39 17.92
N VAL C 131 25.20 2.59 17.38
CA VAL C 131 24.11 1.66 17.67
C VAL C 131 23.57 1.16 16.34
N PRO C 132 24.05 -0.03 15.94
CA PRO C 132 23.61 -0.62 14.68
C PRO C 132 22.13 -0.94 14.70
N LEU C 133 21.53 -0.94 13.51
CA LEU C 133 20.11 -1.22 13.32
C LEU C 133 19.96 -2.68 12.96
N ASN C 134 19.32 -3.45 13.82
CA ASN C 134 19.13 -4.87 13.53
C ASN C 134 18.10 -4.98 12.41
N LEU C 135 18.54 -5.45 11.26
CA LEU C 135 17.66 -5.58 10.12
C LEU C 135 16.64 -6.71 10.21
N ASP C 136 16.59 -7.37 11.36
CA ASP C 136 15.62 -8.44 11.56
C ASP C 136 14.65 -7.91 12.59
N SER C 137 14.95 -6.71 13.06
CA SER C 137 14.16 -6.00 14.03
C SER C 137 13.03 -5.34 13.25
N VAL C 138 13.38 -4.80 12.08
CA VAL C 138 12.42 -4.12 11.22
C VAL C 138 12.33 -4.72 9.82
N ASN C 139 11.88 -3.90 8.87
CA ASN C 139 11.74 -4.34 7.48
C ASN C 139 12.76 -3.60 6.61
N ARG C 140 13.62 -4.35 5.93
CA ARG C 140 14.68 -3.81 5.08
C ARG C 140 14.23 -3.03 3.85
N MET C 141 13.02 -3.30 3.38
CA MET C 141 12.49 -2.64 2.20
C MET C 141 12.15 -1.15 2.33
N LEU C 142 12.74 -0.32 1.48
CA LEU C 142 12.46 1.09 1.51
C LEU C 142 11.76 1.59 0.24
N LYS C 143 11.64 0.72 -0.76
CA LYS C 143 11.00 1.09 -2.01
C LYS C 143 10.61 -0.21 -2.72
N ASP C 144 9.35 -0.34 -3.10
CA ASP C 144 8.89 -1.56 -3.78
C ASP C 144 7.50 -1.37 -4.38
N SER C 145 6.92 -2.44 -4.93
CA SER C 145 5.60 -2.39 -5.54
C SER C 145 4.55 -1.89 -4.55
N VAL C 146 4.93 -1.87 -3.27
CA VAL C 146 4.07 -1.42 -2.19
C VAL C 146 4.97 -0.80 -1.14
N THR C 147 4.51 0.22 -0.42
CA THR C 147 5.34 0.78 0.64
C THR C 147 4.88 0.07 1.91
N TYR C 148 5.83 -0.51 2.66
CA TYR C 148 5.52 -1.25 3.88
C TYR C 148 5.38 -0.39 5.14
N THR C 149 4.82 -1.00 6.17
CA THR C 149 4.58 -0.33 7.44
C THR C 149 5.65 -0.51 8.51
N ASP C 150 6.39 -1.61 8.46
CA ASP C 150 7.45 -1.83 9.45
C ASP C 150 8.84 -1.44 8.95
N THR C 151 8.95 -0.28 8.32
CA THR C 151 10.22 0.24 7.81
C THR C 151 11.02 0.81 9.00
N PRO C 152 12.36 0.77 8.93
CA PRO C 152 13.11 1.32 10.07
C PRO C 152 12.91 2.82 10.37
N LYS C 153 12.93 3.14 11.66
CA LYS C 153 12.75 4.50 12.19
C LYS C 153 13.67 4.69 13.41
N LEU C 154 14.45 5.77 13.43
CA LEU C 154 15.35 6.04 14.54
C LEU C 154 14.75 7.07 15.48
N LEU C 155 14.78 6.78 16.79
CA LEU C 155 14.26 7.68 17.81
C LEU C 155 15.39 8.22 18.65
N ALA C 156 15.38 9.52 18.87
CA ALA C 156 16.40 10.18 19.68
C ALA C 156 15.81 11.35 20.46
N TYR C 157 16.26 11.54 21.68
CA TYR C 157 15.76 12.63 22.51
C TYR C 157 16.83 13.13 23.47
N SER C 158 16.71 14.37 23.92
CA SER C 158 17.69 14.91 24.84
C SER C 158 17.10 15.70 26.00
N ARG C 159 16.83 16.99 25.80
CA ARG C 159 16.28 17.84 26.86
C ARG C 159 16.82 19.24 26.57
N ALA C 160 16.00 20.26 26.77
CA ALA C 160 16.48 21.61 26.52
C ALA C 160 17.73 21.79 27.37
N PRO C 161 18.86 22.18 26.74
CA PRO C 161 20.12 22.39 27.45
C PRO C 161 19.99 23.50 28.50
N THR C 162 20.95 23.56 29.41
CA THR C 162 20.94 24.59 30.45
C THR C 162 21.87 25.72 29.97
N ASN C 163 22.62 25.43 28.92
CA ASN C 163 23.55 26.38 28.32
C ASN C 163 23.47 26.27 26.80
N PRO C 164 22.29 26.52 26.22
CA PRO C 164 22.07 26.44 24.77
C PRO C 164 23.08 27.24 23.95
N SER C 165 23.56 26.66 22.85
CA SER C 165 24.51 27.36 21.98
C SER C 165 24.11 27.14 20.53
N LYS C 166 24.46 28.10 19.68
CA LYS C 166 24.13 28.03 18.26
C LYS C 166 24.86 26.90 17.52
N ILE C 167 25.94 26.41 18.13
CA ILE C 167 26.72 25.33 17.55
C ILE C 167 26.43 24.05 18.33
N PRO C 168 25.93 23.00 17.65
CA PRO C 168 25.60 21.73 18.29
C PRO C 168 26.72 21.11 19.13
N THR C 169 26.33 20.48 20.23
CA THR C 169 27.28 19.85 21.14
C THR C 169 27.43 18.36 20.83
N ALA C 170 26.58 17.86 19.95
CA ALA C 170 26.60 16.46 19.56
C ALA C 170 25.64 16.25 18.38
N SER C 171 25.83 15.16 17.65
CA SER C 171 24.98 14.87 16.51
C SER C 171 24.84 13.37 16.29
N ILE C 172 23.93 12.98 15.41
CA ILE C 172 23.75 11.58 15.08
C ILE C 172 23.67 11.47 13.58
N GLN C 173 24.51 10.61 13.03
CA GLN C 173 24.52 10.39 11.60
C GLN C 173 24.01 8.98 11.41
N ILE C 174 23.46 8.71 10.24
CA ILE C 174 22.99 7.37 9.92
C ILE C 174 23.72 6.97 8.64
N SER C 175 24.52 5.91 8.73
CA SER C 175 25.26 5.41 7.59
C SER C 175 24.81 3.98 7.29
N GLY C 176 24.95 3.59 6.04
CA GLY C 176 24.55 2.25 5.65
C GLY C 176 24.73 2.00 4.17
N ARG C 177 24.19 0.88 3.71
CA ARG C 177 24.29 0.51 2.32
C ARG C 177 22.97 -0.09 1.81
N ILE C 178 22.47 0.47 0.71
CA ILE C 178 21.22 0.01 0.10
C ILE C 178 21.45 -0.81 -1.16
N ARG C 179 20.50 -1.70 -1.43
CA ARG C 179 20.53 -2.58 -2.59
C ARG C 179 19.49 -2.04 -3.58
N LEU C 180 19.94 -1.25 -4.54
CA LEU C 180 19.02 -0.69 -5.52
C LEU C 180 18.93 -1.56 -6.77
N SER C 181 17.71 -1.87 -7.17
CA SER C 181 17.46 -2.69 -8.37
C SER C 181 16.21 -2.19 -9.09
N LYS C 182 15.80 -2.93 -10.12
CA LYS C 182 14.63 -2.56 -10.92
C LYS C 182 14.62 -1.06 -11.21
N PRO C 183 15.46 -0.61 -12.17
CA PRO C 183 15.56 0.79 -12.56
C PRO C 183 14.28 1.24 -13.25
N MET C 184 13.79 2.42 -12.91
CA MET C 184 12.55 2.88 -13.50
C MET C 184 12.68 3.65 -14.79
N LEU C 185 11.76 3.39 -15.72
CA LEU C 185 11.72 4.09 -17.01
C LEU C 185 11.50 5.56 -16.75
N ILE C 186 12.32 6.43 -17.32
CA ILE C 186 12.16 7.88 -17.12
C ILE C 186 12.44 8.70 -18.38
N ALA C 187 12.37 10.03 -18.23
CA ALA C 187 12.66 10.96 -19.31
C ALA C 187 14.17 11.06 -19.40
N ASN C 188 14.74 10.44 -20.44
CA ASN C 188 16.20 10.37 -20.69
C ASN C 188 16.74 9.03 -20.18
#